data_7Y5M
#
_entry.id   7Y5M
#
_cell.length_a   47.747
_cell.length_b   58.110
_cell.length_c   59.420
_cell.angle_alpha   90.000
_cell.angle_beta   90.000
_cell.angle_gamma   90.000
#
_symmetry.space_group_name_H-M   'P 21 21 21'
#
loop_
_entity.id
_entity.type
_entity.pdbx_description
1 polymer 'RNA-directed RNA polymerase'
2 water water
#
_entity_poly.entity_id   1
_entity_poly.type   'polypeptide(L)'
_entity_poly.pdbx_seq_one_letter_code
;AGRRRSSNLSESLISDCDNLGNFYRGPIVLDINKEFTIEDVPGDGDCFFHCLAKQLPEVSVSRLKGIITSYALRNWDTLT
EAPRFYSDPKDYERELNRAGYWGGTTEAEIINHSFGVPVVIWTTEDKKLTSAVQVWTRKHGNLPELHLLHTGTHFMCLAP
IVKEGTPPRE
;
_entity_poly.pdbx_strand_id   A
#
# COMPACT_ATOMS: atom_id res chain seq x y z
N ASN A 8 -11.98 -10.99 -4.60
CA ASN A 8 -11.14 -10.36 -3.57
C ASN A 8 -10.49 -9.04 -3.97
N LEU A 9 -11.18 -8.31 -4.84
CA LEU A 9 -10.81 -6.93 -5.12
C LEU A 9 -11.48 -6.01 -4.10
N SER A 10 -11.05 -4.75 -4.10
CA SER A 10 -11.32 -3.81 -3.01
C SER A 10 -12.80 -3.71 -2.65
N GLU A 11 -13.67 -3.47 -3.64
CA GLU A 11 -15.07 -3.20 -3.29
C GLU A 11 -15.75 -4.43 -2.70
N SER A 12 -15.28 -5.63 -3.05
CA SER A 12 -15.88 -6.86 -2.54
C SER A 12 -15.47 -7.13 -1.09
N LEU A 13 -14.39 -6.51 -0.62
CA LEU A 13 -13.88 -6.76 0.72
C LEU A 13 -14.47 -5.84 1.78
N ILE A 14 -14.97 -4.66 1.40
CA ILE A 14 -15.26 -3.66 2.43
C ILE A 14 -16.48 -3.98 3.28
N SER A 15 -17.43 -4.78 2.78
CA SER A 15 -18.57 -5.11 3.63
C SER A 15 -18.17 -5.93 4.85
N ASP A 16 -17.00 -6.55 4.81
CA ASP A 16 -16.51 -7.32 5.94
C ASP A 16 -15.43 -6.56 6.72
N CYS A 17 -15.37 -5.25 6.52
CA CYS A 17 -14.42 -4.37 7.18
C CYS A 17 -15.15 -3.29 7.96
N ASP A 18 -14.46 -2.70 8.92
CA ASP A 18 -14.90 -1.44 9.49
C ASP A 18 -14.47 -0.31 8.58
N ASN A 19 -15.31 0.71 8.45
CA ASN A 19 -14.94 1.94 7.76
C ASN A 19 -14.25 2.82 8.80
N LEU A 20 -12.94 3.00 8.64
CA LEU A 20 -12.17 3.77 9.60
C LEU A 20 -11.80 5.14 9.05
N GLY A 21 -12.60 5.65 8.11
CA GLY A 21 -12.44 7.01 7.64
C GLY A 21 -11.69 7.06 6.32
N ASN A 22 -10.37 7.11 6.39
CA ASN A 22 -9.56 7.17 5.18
C ASN A 22 -9.24 5.79 4.61
N PHE A 23 -9.49 4.72 5.34
CA PHE A 23 -9.37 3.36 4.81
C PHE A 23 -10.36 2.47 5.53
N TYR A 24 -10.51 1.26 5.00
CA TYR A 24 -11.28 0.20 5.64
C TYR A 24 -10.31 -0.85 6.17
N ARG A 25 -10.70 -1.53 7.25
CA ARG A 25 -9.86 -2.59 7.78
C ARG A 25 -10.74 -3.62 8.47
N GLY A 26 -10.44 -4.89 8.26
CA GLY A 26 -11.21 -5.94 8.86
C GLY A 26 -10.41 -7.20 9.03
N PRO A 27 -10.83 -8.03 9.98
CA PRO A 27 -10.24 -9.37 10.10
C PRO A 27 -10.85 -10.23 9.00
N ILE A 28 -10.00 -10.76 8.14
CA ILE A 28 -10.44 -11.70 7.13
C ILE A 28 -9.37 -12.78 7.06
N VAL A 29 -9.78 -14.04 7.18
CA VAL A 29 -8.87 -15.17 7.30
C VAL A 29 -9.02 -16.04 6.06
N LEU A 30 -8.04 -15.96 5.16
CA LEU A 30 -8.04 -16.72 3.92
C LEU A 30 -6.74 -17.52 3.82
N ASP A 31 -6.83 -18.67 3.16
CA ASP A 31 -5.67 -19.52 2.94
C ASP A 31 -4.86 -18.90 1.79
N ILE A 32 -3.66 -18.41 2.10
CA ILE A 32 -2.89 -17.65 1.13
C ILE A 32 -2.61 -18.48 -0.11
N ASN A 33 -2.19 -19.73 0.07
CA ASN A 33 -1.84 -20.55 -1.09
C ASN A 33 -3.06 -20.90 -1.93
N LYS A 34 -4.24 -20.98 -1.31
CA LYS A 34 -5.46 -21.31 -2.03
C LYS A 34 -6.05 -20.11 -2.76
N GLU A 35 -5.77 -18.89 -2.30
CA GLU A 35 -6.49 -17.73 -2.80
C GLU A 35 -5.64 -16.75 -3.59
N PHE A 36 -4.31 -16.82 -3.48
CA PHE A 36 -3.46 -15.78 -4.02
C PHE A 36 -2.23 -16.38 -4.66
N THR A 37 -1.66 -15.62 -5.59
CA THR A 37 -0.28 -15.78 -6.00
C THR A 37 0.52 -14.67 -5.37
N ILE A 38 1.73 -15.01 -4.90
CA ILE A 38 2.57 -14.04 -4.21
C ILE A 38 3.98 -14.12 -4.77
N GLU A 39 4.70 -12.99 -4.72
CA GLU A 39 6.01 -12.82 -5.32
C GLU A 39 6.95 -12.08 -4.39
N ASP A 40 8.17 -12.60 -4.23
CA ASP A 40 9.22 -11.87 -3.53
C ASP A 40 9.88 -10.90 -4.49
N VAL A 41 10.04 -9.66 -4.05
CA VAL A 41 10.72 -8.63 -4.83
C VAL A 41 11.76 -8.01 -3.89
N PRO A 42 13.02 -7.91 -4.30
CA PRO A 42 14.06 -7.38 -3.40
C PRO A 42 13.83 -5.91 -3.10
N GLY A 43 14.57 -5.41 -2.13
CA GLY A 43 14.52 -3.99 -1.83
C GLY A 43 15.44 -3.67 -0.67
N ASP A 44 15.79 -2.39 -0.58
CA ASP A 44 16.71 -1.91 0.46
C ASP A 44 15.98 -1.57 1.76
N GLY A 45 14.66 -1.49 1.71
CA GLY A 45 13.88 -1.21 2.91
C GLY A 45 13.10 -2.43 3.30
N ASP A 46 11.78 -2.36 3.18
CA ASP A 46 10.92 -3.49 3.50
C ASP A 46 10.22 -4.08 2.29
N CYS A 47 10.67 -3.71 1.09
CA CYS A 47 10.26 -4.22 -0.22
C CYS A 47 9.03 -3.51 -0.76
N PHE A 48 8.45 -2.58 0.01
CA PHE A 48 7.22 -1.89 -0.39
C PHE A 48 7.36 -1.21 -1.75
N PHE A 49 8.42 -0.40 -1.91
CA PHE A 49 8.53 0.40 -3.12
C PHE A 49 8.83 -0.46 -4.35
N HIS A 50 9.65 -1.51 -4.20
CA HIS A 50 9.87 -2.37 -5.35
C HIS A 50 8.60 -3.12 -5.74
N CYS A 51 7.83 -3.56 -4.73
CA CYS A 51 6.58 -4.25 -5.04
C CYS A 51 5.64 -3.36 -5.83
N LEU A 52 5.49 -2.11 -5.40
CA LEU A 52 4.54 -1.26 -6.10
C LEU A 52 5.11 -0.73 -7.41
N ALA A 53 6.42 -0.50 -7.48
CA ALA A 53 7.02 -0.17 -8.77
C ALA A 53 6.79 -1.29 -9.78
N LYS A 54 6.81 -2.54 -9.33
CA LYS A 54 6.55 -3.65 -10.24
C LYS A 54 5.13 -3.59 -10.78
N GLN A 55 4.17 -3.24 -9.92
CA GLN A 55 2.77 -3.21 -10.32
C GLN A 55 2.38 -1.95 -11.08
N LEU A 56 3.26 -0.95 -11.14
CA LEU A 56 3.04 0.29 -11.89
C LEU A 56 4.05 0.31 -13.02
N PRO A 57 3.68 -0.12 -14.23
CA PRO A 57 4.70 -0.43 -15.26
C PRO A 57 5.43 0.78 -15.84
N GLU A 58 4.88 1.99 -15.74
CA GLU A 58 5.59 3.18 -16.21
C GLU A 58 6.29 3.93 -15.09
N VAL A 59 6.42 3.32 -13.91
CA VAL A 59 6.89 4.00 -12.71
C VAL A 59 8.02 3.17 -12.08
N SER A 60 9.23 3.72 -12.06
CA SER A 60 10.35 3.12 -11.34
C SER A 60 10.25 3.43 -9.84
N VAL A 61 11.11 2.78 -9.05
CA VAL A 61 11.17 3.06 -7.61
C VAL A 61 11.46 4.54 -7.36
N SER A 62 12.44 5.10 -8.08
CA SER A 62 12.79 6.50 -7.86
C SER A 62 11.67 7.42 -8.30
N ARG A 63 11.02 7.11 -9.43
CA ARG A 63 9.89 7.94 -9.85
C ARG A 63 8.74 7.85 -8.86
N LEU A 64 8.50 6.66 -8.29
CA LEU A 64 7.44 6.52 -7.29
C LEU A 64 7.71 7.41 -6.08
N LYS A 65 8.94 7.40 -5.58
CA LYS A 65 9.26 8.24 -4.43
C LYS A 65 9.11 9.72 -4.78
N GLY A 66 9.47 10.10 -6.01
CA GLY A 66 9.30 11.48 -6.41
C GLY A 66 7.85 11.91 -6.49
N ILE A 67 6.99 11.03 -7.03
CA ILE A 67 5.55 11.33 -7.08
C ILE A 67 4.97 11.47 -5.68
N ILE A 68 5.35 10.55 -4.78
CA ILE A 68 4.87 10.58 -3.41
C ILE A 68 5.32 11.86 -2.70
N THR A 69 6.60 12.24 -2.89
CA THR A 69 7.15 13.45 -2.29
C THR A 69 6.37 14.67 -2.74
N SER A 70 6.18 14.82 -4.05
CA SER A 70 5.45 15.96 -4.59
C SER A 70 4.01 15.97 -4.10
N TYR A 71 3.36 14.82 -4.11
CA TYR A 71 1.97 14.77 -3.68
C TYR A 71 1.84 15.23 -2.22
N ALA A 72 2.75 14.77 -1.36
CA ALA A 72 2.69 15.17 0.05
C ALA A 72 2.89 16.68 0.20
N LEU A 73 3.81 17.25 -0.59
CA LEU A 73 4.08 18.68 -0.47
C LEU A 73 2.87 19.51 -0.87
N ARG A 74 2.07 18.99 -1.81
CA ARG A 74 0.97 19.75 -2.40
C ARG A 74 -0.40 19.35 -1.86
N ASN A 75 -0.49 18.27 -1.07
CA ASN A 75 -1.80 17.80 -0.64
C ASN A 75 -1.80 17.44 0.83
N TRP A 76 -0.93 18.06 1.63
CA TRP A 76 -0.83 17.68 3.04
C TRP A 76 -2.17 17.84 3.74
N ASP A 77 -2.98 18.83 3.35
CA ASP A 77 -4.25 19.10 4.01
C ASP A 77 -5.29 18.00 3.77
N THR A 78 -5.13 17.17 2.74
CA THR A 78 -6.11 16.13 2.44
C THR A 78 -5.57 14.72 2.67
N LEU A 79 -4.39 14.60 3.27
CA LEU A 79 -3.84 13.33 3.72
C LEU A 79 -4.08 13.14 5.21
N THR A 80 -4.04 11.89 5.65
CA THR A 80 -4.25 11.55 7.06
C THR A 80 -3.05 10.84 7.69
N GLU A 81 -2.45 9.88 6.98
CA GLU A 81 -1.40 9.07 7.59
C GLU A 81 -0.10 9.86 7.75
N ALA A 82 0.46 10.37 6.65
CA ALA A 82 1.68 11.15 6.78
C ALA A 82 1.56 12.29 7.78
N PRO A 83 0.50 13.11 7.77
CA PRO A 83 0.44 14.20 8.75
C PRO A 83 0.38 13.73 10.19
N ARG A 84 -0.07 12.49 10.43
CA ARG A 84 -0.08 11.97 11.80
C ARG A 84 1.33 11.69 12.32
N PHE A 85 2.26 11.32 11.44
CA PHE A 85 3.56 10.83 11.88
C PHE A 85 4.71 11.78 11.58
N TYR A 86 4.47 12.85 10.83
CA TYR A 86 5.52 13.78 10.43
C TYR A 86 5.07 15.21 10.71
N SER A 87 6.04 16.07 10.99
CA SER A 87 5.73 17.43 11.39
C SER A 87 5.20 18.26 10.23
N ASP A 88 5.60 17.94 8.99
CA ASP A 88 5.27 18.71 7.80
C ASP A 88 5.81 17.99 6.57
N PRO A 89 5.45 18.40 5.35
CA PRO A 89 5.92 17.65 4.17
C PRO A 89 7.44 17.65 4.01
N LYS A 90 8.16 18.66 4.51
CA LYS A 90 9.61 18.67 4.39
C LYS A 90 10.24 17.60 5.27
N ASP A 91 9.75 17.48 6.51
CA ASP A 91 10.20 16.41 7.40
C ASP A 91 9.91 15.05 6.79
N TYR A 92 8.74 14.89 6.18
CA TYR A 92 8.39 13.63 5.54
C TYR A 92 9.31 13.35 4.34
N GLU A 93 9.53 14.36 3.49
CA GLU A 93 10.39 14.18 2.32
C GLU A 93 11.78 13.70 2.72
N ARG A 94 12.34 14.28 3.79
CA ARG A 94 13.69 13.90 4.20
C ARG A 94 13.76 12.44 4.62
N GLU A 95 12.73 11.95 5.33
CA GLU A 95 12.76 10.56 5.77
C GLU A 95 12.45 9.61 4.62
N LEU A 96 11.42 9.93 3.84
CA LEU A 96 10.98 9.06 2.75
C LEU A 96 12.11 8.78 1.77
N ASN A 97 12.96 9.76 1.53
CA ASN A 97 13.95 9.64 0.48
C ASN A 97 15.28 9.06 0.94
N ARG A 98 15.35 8.54 2.16
CA ARG A 98 16.49 7.72 2.55
C ARG A 98 16.36 6.33 1.94
N ALA A 99 17.52 5.75 1.59
CA ALA A 99 17.50 4.49 0.84
C ALA A 99 16.86 3.35 1.64
N GLY A 100 17.06 3.35 2.95
CA GLY A 100 16.56 2.32 3.84
C GLY A 100 15.21 2.61 4.45
N TYR A 101 14.54 3.68 4.03
CA TYR A 101 13.22 3.99 4.57
C TYR A 101 12.25 2.83 4.33
N TRP A 102 11.44 2.53 5.33
CA TRP A 102 10.45 1.44 5.25
C TRP A 102 9.11 2.00 4.80
N GLY A 103 8.66 1.60 3.62
CA GLY A 103 7.36 2.02 3.16
C GLY A 103 6.23 1.24 3.81
N GLY A 104 5.02 1.75 3.63
CA GLY A 104 3.87 1.06 4.17
C GLY A 104 2.59 1.84 4.02
N THR A 105 1.71 1.73 5.02
CA THR A 105 0.37 2.33 4.91
C THR A 105 0.43 3.82 4.63
N THR A 106 1.43 4.54 5.16
CA THR A 106 1.51 5.98 4.92
C THR A 106 1.62 6.29 3.43
N GLU A 107 2.45 5.55 2.71
CA GLU A 107 2.58 5.72 1.27
C GLU A 107 1.42 5.09 0.52
N ALA A 108 0.84 4.02 1.05
CA ALA A 108 -0.31 3.43 0.38
C ALA A 108 -1.41 4.46 0.21
N GLU A 109 -1.66 5.26 1.24
CA GLU A 109 -2.64 6.34 1.13
C GLU A 109 -2.24 7.32 0.04
N ILE A 110 -0.98 7.77 0.04
CA ILE A 110 -0.57 8.77 -0.96
C ILE A 110 -0.70 8.22 -2.37
N ILE A 111 -0.34 6.95 -2.56
CA ILE A 111 -0.50 6.31 -3.86
C ILE A 111 -1.97 6.24 -4.26
N ASN A 112 -2.84 5.89 -3.30
CA ASN A 112 -4.28 5.85 -3.58
C ASN A 112 -4.78 7.21 -4.02
N HIS A 113 -4.38 8.28 -3.32
CA HIS A 113 -4.91 9.60 -3.64
C HIS A 113 -4.30 10.13 -4.93
N SER A 114 -3.01 9.85 -5.18
CA SER A 114 -2.31 10.42 -6.34
C SER A 114 -2.65 9.69 -7.63
N PHE A 115 -2.48 8.37 -7.65
CA PHE A 115 -2.80 7.60 -8.84
C PHE A 115 -4.29 7.28 -8.93
N GLY A 116 -5.01 7.40 -7.81
CA GLY A 116 -6.42 7.10 -7.78
C GLY A 116 -6.73 5.64 -7.54
N VAL A 117 -5.73 4.78 -7.58
CA VAL A 117 -5.88 3.34 -7.65
C VAL A 117 -6.22 2.75 -6.30
N PRO A 118 -7.12 1.76 -6.22
CA PRO A 118 -7.32 1.05 -4.95
C PRO A 118 -6.03 0.37 -4.52
N VAL A 119 -5.80 0.34 -3.22
CA VAL A 119 -4.66 -0.35 -2.63
C VAL A 119 -5.19 -1.29 -1.55
N VAL A 120 -4.81 -2.56 -1.65
CA VAL A 120 -5.30 -3.59 -0.74
C VAL A 120 -4.07 -4.25 -0.12
N ILE A 121 -3.95 -4.16 1.20
CA ILE A 121 -2.83 -4.76 1.92
C ILE A 121 -3.36 -5.84 2.84
N TRP A 122 -2.97 -7.08 2.59
CA TRP A 122 -3.31 -8.22 3.44
C TRP A 122 -2.19 -8.43 4.43
N THR A 123 -2.53 -8.74 5.68
CA THR A 123 -1.54 -9.06 6.68
C THR A 123 -1.63 -10.54 7.02
N THR A 124 -0.47 -11.15 7.29
CA THR A 124 -0.40 -12.51 7.80
C THR A 124 0.59 -12.52 8.96
N GLU A 125 0.19 -13.18 10.06
CA GLU A 125 1.02 -13.40 11.24
C GLU A 125 1.72 -14.74 11.21
N ASP A 126 1.15 -15.74 10.55
CA ASP A 126 1.74 -17.08 10.55
C ASP A 126 2.29 -17.49 9.19
N LYS A 127 2.25 -16.60 8.19
CA LYS A 127 2.76 -16.81 6.84
C LYS A 127 1.94 -17.81 6.04
N LYS A 128 0.81 -18.27 6.58
CA LYS A 128 -0.01 -19.27 5.90
C LYS A 128 -1.45 -18.82 5.69
N LEU A 129 -2.03 -18.15 6.66
CA LEU A 129 -3.37 -17.61 6.56
C LEU A 129 -3.29 -16.11 6.73
N THR A 130 -4.14 -15.37 6.02
CA THR A 130 -4.24 -13.97 6.33
C THR A 130 -4.90 -13.79 7.70
N SER A 131 -4.62 -12.66 8.32
CA SER A 131 -5.28 -12.27 9.56
C SER A 131 -6.13 -11.02 9.41
N ALA A 132 -5.82 -10.16 8.44
CA ALA A 132 -6.55 -8.91 8.30
C ALA A 132 -6.30 -8.37 6.91
N VAL A 133 -7.13 -7.41 6.51
CA VAL A 133 -6.93 -6.70 5.26
C VAL A 133 -7.21 -5.23 5.52
N GLN A 134 -6.47 -4.36 4.83
CA GLN A 134 -6.66 -2.91 4.87
C GLN A 134 -6.87 -2.45 3.44
N VAL A 135 -7.90 -1.63 3.22
CA VAL A 135 -8.33 -1.29 1.87
C VAL A 135 -8.49 0.21 1.72
N TRP A 136 -7.83 0.78 0.71
CA TRP A 136 -8.13 2.11 0.20
C TRP A 136 -8.94 1.96 -1.09
N THR A 137 -10.14 2.52 -1.11
CA THR A 137 -10.99 2.41 -2.27
C THR A 137 -10.63 3.44 -3.33
N ARG A 138 -11.07 3.18 -4.57
CA ARG A 138 -10.70 4.01 -5.71
C ARG A 138 -11.07 5.48 -5.50
N LYS A 139 -10.15 6.37 -5.87
CA LYS A 139 -10.43 7.80 -5.82
C LYS A 139 -10.66 8.44 -7.17
N HIS A 140 -10.05 7.90 -8.23
CA HIS A 140 -10.24 8.41 -9.59
C HIS A 140 -9.51 7.48 -10.54
N GLY A 141 -9.77 7.65 -11.84
CA GLY A 141 -9.07 6.90 -12.84
C GLY A 141 -9.52 5.45 -12.93
N ASN A 142 -8.78 4.69 -13.75
CA ASN A 142 -9.14 3.31 -14.02
C ASN A 142 -7.95 2.36 -13.92
N LEU A 143 -6.90 2.74 -13.20
CA LEU A 143 -5.75 1.85 -13.04
C LEU A 143 -6.16 0.58 -12.31
N PRO A 144 -5.55 -0.55 -12.67
CA PRO A 144 -5.81 -1.79 -11.92
C PRO A 144 -5.33 -1.70 -10.48
N GLU A 145 -6.04 -2.38 -9.59
CA GLU A 145 -5.76 -2.31 -8.17
C GLU A 145 -4.36 -2.81 -7.84
N LEU A 146 -3.77 -2.23 -6.80
CA LEU A 146 -2.46 -2.67 -6.29
C LEU A 146 -2.67 -3.47 -5.03
N HIS A 147 -2.18 -4.71 -5.02
CA HIS A 147 -2.34 -5.60 -3.87
C HIS A 147 -1.00 -6.05 -3.31
N LEU A 148 -0.92 -6.12 -1.98
CA LEU A 148 0.30 -6.51 -1.31
C LEU A 148 -0.01 -7.47 -0.17
N LEU A 149 0.98 -8.27 0.18
CA LEU A 149 0.95 -9.08 1.39
C LEU A 149 2.01 -8.55 2.35
N HIS A 150 1.63 -8.25 3.58
CA HIS A 150 2.57 -7.79 4.58
C HIS A 150 2.83 -9.00 5.49
N THR A 151 4.05 -9.52 5.43
CA THR A 151 4.42 -10.75 6.11
C THR A 151 5.72 -10.53 6.86
N GLY A 152 5.71 -10.82 8.15
CA GLY A 152 6.88 -10.49 8.96
C GLY A 152 7.10 -9.00 8.95
N THR A 153 8.28 -8.57 8.53
CA THR A 153 8.60 -7.16 8.39
C THR A 153 8.78 -6.73 6.95
N HIS A 154 8.22 -7.48 5.99
CA HIS A 154 8.39 -7.07 4.61
C HIS A 154 7.10 -7.25 3.81
N PHE A 155 7.12 -6.72 2.60
CA PHE A 155 5.97 -6.80 1.72
C PHE A 155 6.31 -7.68 0.53
N MET A 156 5.30 -8.39 0.06
CA MET A 156 5.36 -9.13 -1.19
C MET A 156 4.23 -8.66 -2.11
N CYS A 157 4.43 -8.85 -3.42
CA CYS A 157 3.32 -8.62 -4.34
C CYS A 157 2.32 -9.75 -4.20
N LEU A 158 1.05 -9.43 -4.39
CA LEU A 158 -0.03 -10.40 -4.26
C LEU A 158 -1.05 -10.13 -5.35
N ALA A 159 -1.66 -11.21 -5.84
CA ALA A 159 -2.79 -11.10 -6.74
C ALA A 159 -3.77 -12.23 -6.44
N PRO A 160 -5.07 -11.95 -6.46
CA PRO A 160 -6.05 -13.05 -6.39
C PRO A 160 -5.76 -14.06 -7.49
N ILE A 161 -5.84 -15.34 -7.15
CA ILE A 161 -5.77 -16.38 -8.16
C ILE A 161 -6.92 -16.19 -9.13
N VAL A 162 -6.66 -16.33 -10.42
CA VAL A 162 -7.72 -16.13 -11.40
C VAL A 162 -8.64 -17.37 -11.49
#